data_1NM2
#
_entry.id   1NM2
#
_cell.length_a   43.067
_cell.length_b   54.486
_cell.length_c   109.880
_cell.angle_alpha   90.00
_cell.angle_beta   90.00
_cell.angle_gamma   90.00
#
_symmetry.space_group_name_H-M   'P 21 21 21'
#
loop_
_entity.id
_entity.type
_entity.pdbx_description
1 polymer 'malonyl CoA:acyl carrier protein malonyltransferase'
2 non-polymer 'NICKEL (II) ION'
3 non-polymer 'ACETIC ACID'
4 water water
#
_entity_poly.entity_id   1
_entity_poly.type   'polypeptide(L)'
_entity_poly.pdbx_seq_one_letter_code
;HMLVLVAPGQGAQTPGFLTDWLALPGAADRVAAWSDAIGLDLAHFGTKADADEIRDTSVAQPLLVAAGILSAAALGTQTS
VADATGPGFTPGAVAGHSVGEITAAVFAGVLDDTAALSLVRRRGLAMAEAAAVTETGMSALLGGDPEVSVAHLERLGLTP
ANVNGAGQIVAAGTMEQLAALNEDKPEGVRKVVPLKVAGAFHTRHMAPAVDKLAEAAKALTPADPKVTYVSNKDGRAVAS
GTEVLDRLVGQVANPVRWDLCMETFKELGVTAIIEVCPGGTLTGLAKRALPGVKTLALKTPDDLDAARELVAEHTQA
;
_entity_poly.pdbx_strand_id   A
#
# COMPACT_ATOMS: atom_id res chain seq x y z
N HIS A 1 -15.62 2.28 20.64
CA HIS A 1 -14.26 2.05 20.08
C HIS A 1 -14.30 1.51 18.66
N MET A 2 -13.30 1.90 17.87
CA MET A 2 -13.21 1.46 16.48
C MET A 2 -11.74 1.38 16.09
N LEU A 3 -11.25 0.17 15.83
CA LEU A 3 -9.87 -0.05 15.45
C LEU A 3 -9.76 -0.28 13.95
N VAL A 4 -8.81 0.39 13.32
CA VAL A 4 -8.61 0.25 11.88
C VAL A 4 -7.23 -0.35 11.63
N LEU A 5 -7.19 -1.47 10.93
CA LEU A 5 -5.95 -2.14 10.63
C LEU A 5 -5.53 -1.76 9.21
N VAL A 6 -4.37 -1.11 9.06
CA VAL A 6 -3.91 -0.70 7.74
C VAL A 6 -2.56 -1.32 7.35
N ALA A 7 -2.34 -1.46 6.05
CA ALA A 7 -1.10 -2.02 5.53
C ALA A 7 -0.44 -1.03 4.59
N PRO A 8 0.90 -0.87 4.68
CA PRO A 8 1.65 0.06 3.84
C PRO A 8 1.88 -0.35 2.39
N GLY A 9 2.49 0.55 1.63
CA GLY A 9 2.79 0.31 0.23
C GLY A 9 4.27 0.45 -0.07
N GLN A 10 4.63 0.47 -1.35
CA GLN A 10 6.03 0.59 -1.76
C GLN A 10 6.74 1.77 -1.13
N GLY A 11 8.00 1.55 -0.75
CA GLY A 11 8.77 2.60 -0.12
C GLY A 11 8.94 2.31 1.35
N ALA A 12 7.99 1.56 1.92
CA ALA A 12 8.03 1.21 3.33
C ALA A 12 9.10 0.16 3.67
N GLN A 13 9.39 -0.71 2.71
CA GLN A 13 10.38 -1.76 2.93
C GLN A 13 11.81 -1.26 2.98
N THR A 14 12.62 -1.89 3.82
CA THR A 14 14.04 -1.54 3.96
C THR A 14 14.83 -2.84 4.09
N PRO A 15 16.13 -2.82 3.77
CA PRO A 15 16.97 -4.01 3.87
C PRO A 15 16.91 -4.70 5.23
N GLY A 16 16.67 -6.01 5.23
CA GLY A 16 16.62 -6.79 6.45
C GLY A 16 15.44 -6.58 7.39
N PHE A 17 14.42 -5.85 6.96
CA PHE A 17 13.28 -5.57 7.83
C PHE A 17 12.48 -6.78 8.29
N LEU A 18 12.51 -7.87 7.54
CA LEU A 18 11.74 -9.06 7.89
C LEU A 18 12.48 -10.02 8.82
N THR A 19 13.78 -9.80 8.99
CA THR A 19 14.62 -10.66 9.82
C THR A 19 14.02 -11.13 11.16
N ASP A 20 13.68 -10.20 12.03
CA ASP A 20 13.12 -10.56 13.34
C ASP A 20 11.80 -11.31 13.21
N TRP A 21 11.01 -10.98 12.20
CA TRP A 21 9.73 -11.66 12.01
C TRP A 21 9.91 -13.11 11.59
N LEU A 22 10.94 -13.40 10.80
CA LEU A 22 11.19 -14.77 10.36
C LEU A 22 11.65 -15.65 11.51
N ALA A 23 12.10 -15.02 12.60
CA ALA A 23 12.58 -15.75 13.77
C ALA A 23 11.44 -16.35 14.60
N LEU A 24 10.23 -15.85 14.40
CA LEU A 24 9.09 -16.37 15.16
C LEU A 24 8.84 -17.81 14.74
N PRO A 25 8.62 -18.71 15.72
CA PRO A 25 8.37 -20.11 15.39
C PRO A 25 7.26 -20.28 14.36
N GLY A 26 7.60 -20.94 13.26
CA GLY A 26 6.63 -21.19 12.20
C GLY A 26 6.69 -20.18 11.06
N ALA A 27 7.22 -18.99 11.31
CA ALA A 27 7.29 -17.94 10.29
C ALA A 27 8.13 -18.30 9.06
N ALA A 28 9.33 -18.83 9.28
CA ALA A 28 10.18 -19.22 8.16
C ALA A 28 9.44 -20.25 7.30
N ASP A 29 8.74 -21.18 7.96
CA ASP A 29 7.99 -22.22 7.25
C ASP A 29 6.89 -21.62 6.36
N ARG A 30 6.09 -20.72 6.90
CA ARG A 30 5.01 -20.12 6.11
C ARG A 30 5.57 -19.34 4.93
N VAL A 31 6.57 -18.50 5.18
CA VAL A 31 7.17 -17.69 4.11
C VAL A 31 7.77 -18.56 3.01
N ALA A 32 8.38 -19.69 3.40
CA ALA A 32 8.97 -20.61 2.45
C ALA A 32 7.90 -21.19 1.52
N ALA A 33 6.75 -21.55 2.09
CA ALA A 33 5.65 -22.11 1.30
C ALA A 33 5.15 -21.05 0.32
N TRP A 34 5.09 -19.80 0.78
CA TRP A 34 4.65 -18.70 -0.09
C TRP A 34 5.66 -18.54 -1.22
N SER A 35 6.94 -18.54 -0.86
CA SER A 35 8.01 -18.39 -1.84
C SER A 35 7.87 -19.45 -2.94
N ASP A 36 7.64 -20.70 -2.55
CA ASP A 36 7.49 -21.77 -3.54
C ASP A 36 6.27 -21.54 -4.42
N ALA A 37 5.21 -20.98 -3.84
CA ALA A 37 3.99 -20.74 -4.61
C ALA A 37 4.11 -19.63 -5.65
N ILE A 38 4.90 -18.60 -5.37
CA ILE A 38 5.03 -17.49 -6.31
C ILE A 38 6.38 -17.43 -7.02
N GLY A 39 7.22 -18.43 -6.79
CA GLY A 39 8.53 -18.48 -7.43
C GLY A 39 9.45 -17.32 -7.08
N LEU A 40 9.50 -16.96 -5.80
CA LEU A 40 10.36 -15.87 -5.35
C LEU A 40 10.81 -16.13 -3.91
N ASP A 41 12.11 -16.01 -3.66
CA ASP A 41 12.66 -16.26 -2.33
C ASP A 41 12.40 -15.07 -1.39
N LEU A 42 11.19 -15.02 -0.85
CA LEU A 42 10.79 -13.94 0.05
C LEU A 42 11.72 -13.76 1.24
N ALA A 43 12.16 -14.86 1.83
CA ALA A 43 13.06 -14.82 2.99
C ALA A 43 14.35 -14.08 2.63
N HIS A 44 14.91 -14.37 1.47
CA HIS A 44 16.15 -13.70 1.06
C HIS A 44 15.96 -12.20 0.89
N PHE A 45 14.93 -11.80 0.17
CA PHE A 45 14.70 -10.37 -0.06
C PHE A 45 14.33 -9.60 1.19
N GLY A 46 13.79 -10.31 2.19
CA GLY A 46 13.43 -9.65 3.43
C GLY A 46 14.54 -9.67 4.47
N THR A 47 15.60 -10.44 4.21
CA THR A 47 16.69 -10.52 5.19
C THR A 47 18.09 -10.13 4.67
N LYS A 48 18.54 -10.75 3.59
CA LYS A 48 19.88 -10.48 3.06
C LYS A 48 19.97 -9.45 1.94
N ALA A 49 18.93 -9.37 1.11
CA ALA A 49 18.92 -8.43 0.00
C ALA A 49 19.15 -6.99 0.42
N ASP A 50 19.94 -6.26 -0.36
CA ASP A 50 20.22 -4.87 -0.06
C ASP A 50 19.20 -3.95 -0.74
N ALA A 51 19.48 -2.64 -0.70
CA ALA A 51 18.60 -1.64 -1.27
C ALA A 51 18.19 -1.84 -2.73
N ASP A 52 19.16 -2.08 -3.61
CA ASP A 52 18.83 -2.22 -5.02
C ASP A 52 17.93 -3.43 -5.33
N GLU A 53 18.10 -4.52 -4.59
CA GLU A 53 17.29 -5.71 -4.82
C GLU A 53 15.84 -5.56 -4.40
N ILE A 54 15.59 -4.88 -3.28
CA ILE A 54 14.23 -4.72 -2.81
C ILE A 54 13.51 -3.51 -3.39
N ARG A 55 14.22 -2.76 -4.23
CA ARG A 55 13.63 -1.59 -4.88
C ARG A 55 12.93 -2.13 -6.12
N ASP A 56 13.30 -3.35 -6.49
CA ASP A 56 12.71 -4.06 -7.63
C ASP A 56 11.21 -4.13 -7.37
N THR A 57 10.43 -3.40 -8.16
CA THR A 57 8.98 -3.39 -7.97
C THR A 57 8.34 -4.79 -8.01
N SER A 58 8.90 -5.71 -8.79
CA SER A 58 8.33 -7.04 -8.88
C SER A 58 8.62 -7.83 -7.59
N VAL A 59 9.63 -7.39 -6.85
CA VAL A 59 10.00 -8.01 -5.59
C VAL A 59 9.32 -7.30 -4.42
N ALA A 60 9.39 -5.97 -4.41
CA ALA A 60 8.81 -5.19 -3.33
C ALA A 60 7.34 -5.46 -3.04
N GLN A 61 6.52 -5.56 -4.08
CA GLN A 61 5.10 -5.79 -3.84
C GLN A 61 4.78 -7.08 -3.09
N PRO A 62 5.23 -8.25 -3.59
CA PRO A 62 4.92 -9.48 -2.83
C PRO A 62 5.58 -9.52 -1.45
N LEU A 63 6.77 -8.93 -1.33
CA LEU A 63 7.46 -8.91 -0.05
C LEU A 63 6.65 -8.13 0.99
N LEU A 64 6.12 -6.98 0.57
CA LEU A 64 5.32 -6.15 1.48
C LEU A 64 4.06 -6.86 1.93
N VAL A 65 3.41 -7.57 1.01
CA VAL A 65 2.17 -8.29 1.34
C VAL A 65 2.45 -9.43 2.32
N ALA A 66 3.51 -10.18 2.08
CA ALA A 66 3.87 -11.29 2.97
C ALA A 66 4.19 -10.75 4.36
N ALA A 67 4.86 -9.60 4.42
CA ALA A 67 5.21 -9.00 5.71
C ALA A 67 3.95 -8.60 6.48
N GLY A 68 2.99 -8.01 5.77
CA GLY A 68 1.75 -7.58 6.39
C GLY A 68 0.91 -8.74 6.88
N ILE A 69 0.79 -9.77 6.06
CA ILE A 69 0.02 -10.95 6.45
C ILE A 69 0.69 -11.65 7.62
N LEU A 70 2.01 -11.75 7.56
CA LEU A 70 2.79 -12.40 8.62
C LEU A 70 2.71 -11.67 9.96
N SER A 71 2.88 -10.34 9.95
CA SER A 71 2.83 -9.60 11.21
C SER A 71 1.43 -9.59 11.79
N ALA A 72 0.42 -9.51 10.93
CA ALA A 72 -0.96 -9.52 11.39
C ALA A 72 -1.24 -10.87 12.04
N ALA A 73 -0.80 -11.94 11.38
CA ALA A 73 -1.01 -13.28 11.91
C ALA A 73 -0.37 -13.40 13.30
N ALA A 74 0.84 -12.86 13.45
CA ALA A 74 1.53 -12.88 14.73
C ALA A 74 0.78 -12.08 15.79
N LEU A 75 0.20 -10.95 15.38
CA LEU A 75 -0.55 -10.10 16.30
C LEU A 75 -1.82 -10.80 16.78
N GLY A 76 -2.31 -11.74 15.99
CA GLY A 76 -3.51 -12.45 16.36
C GLY A 76 -3.25 -13.81 16.99
N THR A 77 -2.22 -13.89 17.82
CA THR A 77 -1.86 -15.14 18.48
C THR A 77 -1.62 -14.92 19.98
N GLY A 88 -7.34 -14.37 19.33
CA GLY A 88 -7.49 -13.66 18.08
C GLY A 88 -8.25 -12.35 18.22
N PHE A 89 -8.53 -11.69 17.10
CA PHE A 89 -9.26 -10.43 17.13
C PHE A 89 -9.75 -10.04 15.75
N THR A 90 -10.77 -9.18 15.72
CA THR A 90 -11.35 -8.71 14.47
C THR A 90 -11.41 -7.19 14.52
N PRO A 91 -10.72 -6.51 13.59
CA PRO A 91 -10.74 -5.05 13.57
C PRO A 91 -12.08 -4.48 13.09
N GLY A 92 -12.31 -3.20 13.36
CA GLY A 92 -13.55 -2.56 12.93
C GLY A 92 -13.55 -2.33 11.42
N ALA A 93 -12.36 -2.10 10.86
CA ALA A 93 -12.23 -1.88 9.42
C ALA A 93 -10.78 -2.07 8.99
N VAL A 94 -10.58 -2.28 7.69
CA VAL A 94 -9.24 -2.46 7.14
C VAL A 94 -9.03 -1.65 5.88
N ALA A 95 -7.78 -1.33 5.59
CA ALA A 95 -7.45 -0.58 4.38
C ALA A 95 -5.93 -0.61 4.19
N GLY A 96 -5.46 -0.18 3.03
CA GLY A 96 -4.05 -0.19 2.78
C GLY A 96 -3.67 0.76 1.66
N HIS A 97 -2.39 1.12 1.57
CA HIS A 97 -1.94 2.05 0.55
C HIS A 97 -1.41 1.32 -0.68
N SER A 98 -2.18 1.39 -1.77
CA SER A 98 -1.84 0.76 -3.04
C SER A 98 -1.66 -0.76 -2.89
N VAL A 99 -0.41 -1.23 -2.80
CA VAL A 99 -0.19 -2.67 -2.63
C VAL A 99 -0.81 -3.12 -1.31
N GLY A 100 -0.85 -2.21 -0.35
CA GLY A 100 -1.43 -2.54 0.94
C GLY A 100 -2.89 -2.91 0.85
N GLU A 101 -3.53 -2.58 -0.26
CA GLU A 101 -4.95 -2.91 -0.46
C GLU A 101 -5.14 -4.40 -0.63
N ILE A 102 -4.14 -5.07 -1.22
CA ILE A 102 -4.22 -6.50 -1.41
C ILE A 102 -4.06 -7.13 -0.03
N THR A 103 -3.14 -6.57 0.77
CA THR A 103 -2.90 -7.07 2.12
C THR A 103 -4.18 -6.97 2.95
N ALA A 104 -4.87 -5.85 2.79
CA ALA A 104 -6.13 -5.60 3.51
C ALA A 104 -7.23 -6.54 3.06
N ALA A 105 -7.18 -6.99 1.81
CA ALA A 105 -8.18 -7.90 1.29
C ALA A 105 -8.09 -9.24 2.03
N VAL A 106 -6.88 -9.59 2.45
CA VAL A 106 -6.65 -10.81 3.19
C VAL A 106 -7.27 -10.63 4.58
N PHE A 107 -6.99 -9.50 5.22
CA PHE A 107 -7.55 -9.25 6.56
C PHE A 107 -9.08 -9.29 6.56
N ALA A 108 -9.71 -8.82 5.47
CA ALA A 108 -11.17 -8.81 5.38
C ALA A 108 -11.75 -10.13 4.90
N GLY A 109 -10.87 -11.11 4.62
CA GLY A 109 -11.35 -12.41 4.17
C GLY A 109 -11.83 -12.45 2.74
N VAL A 110 -11.43 -11.47 1.93
CA VAL A 110 -11.83 -11.43 0.54
C VAL A 110 -11.02 -12.43 -0.26
N LEU A 111 -9.72 -12.49 0.06
CA LEU A 111 -8.80 -13.40 -0.60
C LEU A 111 -7.96 -14.11 0.46
N ASP A 112 -7.59 -15.36 0.19
CA ASP A 112 -6.75 -16.08 1.12
C ASP A 112 -5.33 -15.61 0.82
N ASP A 113 -4.38 -15.84 1.72
CA ASP A 113 -3.03 -15.34 1.49
C ASP A 113 -2.32 -15.78 0.21
N THR A 114 -2.31 -17.07 -0.10
CA THR A 114 -1.61 -17.53 -1.32
C THR A 114 -2.20 -16.89 -2.57
N ALA A 115 -3.51 -16.76 -2.63
CA ALA A 115 -4.17 -16.15 -3.78
C ALA A 115 -3.77 -14.68 -3.88
N ALA A 116 -3.63 -14.03 -2.73
CA ALA A 116 -3.26 -12.62 -2.69
C ALA A 116 -1.81 -12.42 -3.11
N LEU A 117 -0.93 -13.28 -2.62
CA LEU A 117 0.49 -13.20 -2.96
C LEU A 117 0.69 -13.50 -4.44
N SER A 118 -0.13 -14.39 -4.98
CA SER A 118 -0.06 -14.74 -6.40
C SER A 118 -0.51 -13.54 -7.23
N LEU A 119 -1.55 -12.87 -6.76
CA LEU A 119 -2.08 -11.70 -7.45
C LEU A 119 -1.09 -10.53 -7.42
N VAL A 120 -0.50 -10.28 -6.26
CA VAL A 120 0.44 -9.18 -6.11
C VAL A 120 1.77 -9.45 -6.82
N ARG A 121 2.14 -10.72 -6.95
CA ARG A 121 3.38 -11.07 -7.65
C ARG A 121 3.14 -10.61 -9.10
N ARG A 122 1.95 -10.92 -9.62
CA ARG A 122 1.58 -10.53 -10.99
C ARG A 122 1.44 -9.01 -11.07
N ARG A 123 0.92 -8.40 -10.01
CA ARG A 123 0.75 -6.95 -9.97
C ARG A 123 2.11 -6.29 -10.16
N GLY A 124 3.08 -6.72 -9.37
CA GLY A 124 4.42 -6.14 -9.44
C GLY A 124 5.12 -6.32 -10.77
N LEU A 125 5.01 -7.51 -11.36
CA LEU A 125 5.63 -7.79 -12.64
C LEU A 125 4.94 -6.97 -13.72
N ALA A 126 3.62 -6.94 -13.71
CA ALA A 126 2.85 -6.19 -14.71
C ALA A 126 3.16 -4.69 -14.71
N MET A 127 3.27 -4.11 -13.53
CA MET A 127 3.57 -2.68 -13.42
C MET A 127 5.01 -2.38 -13.83
N ALA A 128 5.91 -3.33 -13.58
CA ALA A 128 7.31 -3.15 -13.97
C ALA A 128 7.36 -3.14 -15.49
N GLU A 129 6.69 -4.11 -16.11
CA GLU A 129 6.66 -4.24 -17.56
C GLU A 129 6.04 -3.01 -18.23
N ALA A 130 4.95 -2.50 -17.65
CA ALA A 130 4.30 -1.32 -18.18
C ALA A 130 5.23 -0.12 -18.11
N ALA A 131 5.93 0.02 -16.99
CA ALA A 131 6.86 1.13 -16.78
C ALA A 131 8.01 1.09 -17.78
N ALA A 132 8.43 -0.12 -18.14
CA ALA A 132 9.54 -0.32 -19.08
C ALA A 132 9.29 0.19 -20.50
N VAL A 133 8.06 0.07 -20.98
CA VAL A 133 7.75 0.53 -22.32
C VAL A 133 7.61 2.05 -22.37
N THR A 134 7.89 2.69 -21.24
CA THR A 134 7.77 4.14 -21.13
C THR A 134 8.88 4.76 -20.29
N GLU A 135 9.04 6.07 -20.43
CA GLU A 135 10.01 6.82 -19.63
C GLU A 135 9.13 7.71 -18.77
N THR A 136 8.69 7.17 -17.64
CA THR A 136 7.80 7.87 -16.72
C THR A 136 8.26 7.72 -15.27
N GLY A 137 7.59 8.43 -14.36
CA GLY A 137 7.96 8.36 -12.97
C GLY A 137 6.96 9.06 -12.07
N MET A 138 7.35 9.25 -10.81
CA MET A 138 6.50 9.92 -9.82
C MET A 138 7.39 10.82 -8.99
N SER A 139 6.84 11.97 -8.58
CA SER A 139 7.59 12.91 -7.76
C SER A 139 6.66 13.52 -6.72
N ALA A 140 7.15 13.63 -5.49
CA ALA A 140 6.36 14.21 -4.41
C ALA A 140 6.56 15.72 -4.41
N LEU A 141 5.50 16.45 -4.07
CA LEU A 141 5.56 17.91 -4.01
C LEU A 141 5.63 18.30 -2.54
N LEU A 142 6.71 18.96 -2.14
CA LEU A 142 6.87 19.36 -0.75
C LEU A 142 6.49 20.82 -0.55
N GLY A 143 5.41 21.04 0.17
CA GLY A 143 4.93 22.40 0.42
C GLY A 143 3.83 22.75 -0.57
N GLY A 144 3.28 23.96 -0.44
CA GLY A 144 2.24 24.39 -1.35
C GLY A 144 0.84 24.02 -0.90
N ASP A 145 -0.14 24.38 -1.72
CA ASP A 145 -1.54 24.08 -1.43
C ASP A 145 -1.93 22.91 -2.33
N PRO A 146 -2.59 21.90 -1.77
CA PRO A 146 -3.01 20.72 -2.54
C PRO A 146 -3.85 20.95 -3.78
N GLU A 147 -4.85 21.83 -3.71
CA GLU A 147 -5.70 22.09 -4.87
C GLU A 147 -4.98 22.90 -5.95
N VAL A 148 -4.21 23.90 -5.54
CA VAL A 148 -3.46 24.71 -6.49
C VAL A 148 -2.39 23.83 -7.13
N SER A 149 -1.78 22.97 -6.32
CA SER A 149 -0.74 22.07 -6.82
C SER A 149 -1.30 21.10 -7.85
N VAL A 150 -2.48 20.54 -7.55
CA VAL A 150 -3.11 19.61 -8.47
C VAL A 150 -3.44 20.32 -9.78
N ALA A 151 -4.04 21.50 -9.69
CA ALA A 151 -4.38 22.27 -10.88
C ALA A 151 -3.16 22.50 -11.76
N HIS A 152 -2.06 22.91 -11.14
CA HIS A 152 -0.83 23.18 -11.86
C HIS A 152 -0.22 21.94 -12.52
N LEU A 153 0.02 20.89 -11.73
CA LEU A 153 0.60 19.67 -12.29
C LEU A 153 -0.27 19.09 -13.42
N GLU A 154 -1.58 19.12 -13.23
CA GLU A 154 -2.49 18.59 -14.25
C GLU A 154 -2.43 19.44 -15.51
N ARG A 155 -2.28 20.74 -15.34
CA ARG A 155 -2.19 21.64 -16.48
C ARG A 155 -0.93 21.32 -17.28
N LEU A 156 0.09 20.82 -16.60
CA LEU A 156 1.34 20.46 -17.25
C LEU A 156 1.26 19.06 -17.84
N GLY A 157 0.13 18.39 -17.63
CA GLY A 157 -0.03 17.06 -18.19
C GLY A 157 0.17 15.90 -17.23
N LEU A 158 0.47 16.20 -15.98
CA LEU A 158 0.69 15.16 -14.97
C LEU A 158 -0.64 14.80 -14.31
N THR A 159 -0.64 13.71 -13.54
CA THR A 159 -1.83 13.30 -12.84
C THR A 159 -1.49 13.19 -11.36
N PRO A 160 -2.44 13.50 -10.48
CA PRO A 160 -2.17 13.41 -9.04
C PRO A 160 -2.32 11.94 -8.63
N ALA A 161 -1.27 11.15 -8.90
CA ALA A 161 -1.24 9.72 -8.60
C ALA A 161 -1.47 9.36 -7.14
N ASN A 162 -0.99 10.21 -6.24
CA ASN A 162 -1.15 9.98 -4.81
C ASN A 162 -1.70 11.23 -4.14
N VAL A 163 -2.81 11.09 -3.44
CA VAL A 163 -3.40 12.18 -2.65
C VAL A 163 -3.44 11.50 -1.29
N ASN A 164 -2.37 11.70 -0.53
CA ASN A 164 -2.21 11.04 0.77
C ASN A 164 -2.70 11.72 2.03
N GLY A 165 -3.30 12.89 1.92
CA GLY A 165 -3.79 13.57 3.10
C GLY A 165 -2.71 14.44 3.72
N ALA A 166 -3.10 15.26 4.70
CA ALA A 166 -2.15 16.14 5.36
C ALA A 166 -1.54 17.05 4.30
N GLY A 167 -2.30 17.29 3.22
CA GLY A 167 -1.86 18.14 2.14
C GLY A 167 -0.82 17.55 1.20
N GLN A 168 -0.48 16.28 1.38
CA GLN A 168 0.53 15.63 0.55
C GLN A 168 0.04 15.20 -0.83
N ILE A 169 0.82 15.56 -1.85
CA ILE A 169 0.50 15.25 -3.25
C ILE A 169 1.71 14.65 -4.00
N VAL A 170 1.45 13.59 -4.75
CA VAL A 170 2.50 12.97 -5.57
C VAL A 170 2.08 13.07 -7.03
N ALA A 171 2.92 13.68 -7.85
CA ALA A 171 2.65 13.84 -9.27
C ALA A 171 3.28 12.69 -10.04
N ALA A 172 2.66 12.32 -11.15
CA ALA A 172 3.17 11.23 -11.99
C ALA A 172 2.90 11.50 -13.46
N GLY A 173 3.84 11.09 -14.30
CA GLY A 173 3.71 11.29 -15.73
C GLY A 173 5.02 10.94 -16.40
N THR A 174 5.26 11.50 -17.59
CA THR A 174 6.50 11.23 -18.30
C THR A 174 7.64 11.99 -17.65
N MET A 175 8.86 11.54 -17.90
CA MET A 175 10.02 12.19 -17.33
C MET A 175 10.13 13.65 -17.82
N GLU A 176 9.71 13.90 -19.05
CA GLU A 176 9.75 15.28 -19.59
C GLU A 176 8.82 16.18 -18.79
N GLN A 177 7.61 15.69 -18.52
CA GLN A 177 6.64 16.47 -17.76
C GLN A 177 7.11 16.66 -16.32
N LEU A 178 7.65 15.60 -15.72
CA LEU A 178 8.13 15.70 -14.36
C LEU A 178 9.25 16.72 -14.26
N ALA A 179 10.06 16.80 -15.32
CA ALA A 179 11.16 17.77 -15.37
C ALA A 179 10.58 19.17 -15.53
N ALA A 180 9.53 19.29 -16.34
CA ALA A 180 8.89 20.59 -16.55
C ALA A 180 8.26 21.07 -15.25
N LEU A 181 7.81 20.10 -14.44
CA LEU A 181 7.17 20.41 -13.16
C LEU A 181 8.20 20.95 -12.18
N ASN A 182 9.42 20.43 -12.24
CA ASN A 182 10.47 20.87 -11.34
C ASN A 182 10.99 22.25 -11.73
N GLU A 183 10.99 22.52 -13.03
CA GLU A 183 11.47 23.80 -13.55
C GLU A 183 10.41 24.88 -13.34
N ASP A 184 9.15 24.47 -13.45
CA ASP A 184 8.03 25.39 -13.26
C ASP A 184 7.14 24.77 -12.18
N LYS A 185 7.52 24.99 -10.93
CA LYS A 185 6.81 24.45 -9.78
C LYS A 185 5.52 25.18 -9.46
N PRO A 186 4.58 24.49 -8.79
CA PRO A 186 3.32 25.14 -8.43
C PRO A 186 3.66 26.16 -7.35
N GLU A 187 2.87 27.21 -7.26
CA GLU A 187 3.11 28.25 -6.26
C GLU A 187 3.22 27.66 -4.86
N GLY A 188 4.25 28.09 -4.12
CA GLY A 188 4.45 27.61 -2.77
C GLY A 188 5.21 26.31 -2.63
N VAL A 189 5.31 25.52 -3.69
CA VAL A 189 6.04 24.27 -3.62
C VAL A 189 7.53 24.57 -3.53
N ARG A 190 8.20 23.96 -2.56
CA ARG A 190 9.62 24.18 -2.36
C ARG A 190 10.45 23.18 -3.15
N LYS A 191 10.00 21.94 -3.18
CA LYS A 191 10.75 20.89 -3.84
C LYS A 191 9.86 19.86 -4.54
N VAL A 192 10.37 19.36 -5.66
CA VAL A 192 9.67 18.32 -6.41
C VAL A 192 10.65 17.15 -6.36
N VAL A 193 10.39 16.23 -5.44
CA VAL A 193 11.28 15.09 -5.23
C VAL A 193 10.85 13.81 -5.93
N PRO A 194 11.70 13.33 -6.87
CA PRO A 194 11.39 12.10 -7.59
C PRO A 194 11.42 10.88 -6.67
N LEU A 195 10.40 10.03 -6.80
CA LEU A 195 10.29 8.83 -5.99
C LEU A 195 11.08 7.68 -6.59
N LYS A 196 11.46 6.72 -5.74
CA LYS A 196 12.23 5.57 -6.20
C LYS A 196 11.31 4.50 -6.77
N VAL A 197 10.72 4.80 -7.92
CA VAL A 197 9.81 3.87 -8.58
C VAL A 197 10.16 3.77 -10.06
N ALA A 198 9.77 2.65 -10.67
CA ALA A 198 10.05 2.39 -12.07
C ALA A 198 9.27 3.25 -13.05
N GLY A 199 8.08 3.70 -12.67
CA GLY A 199 7.30 4.50 -13.58
C GLY A 199 6.14 5.26 -12.99
N ALA A 200 5.26 5.75 -13.87
CA ALA A 200 4.09 6.51 -13.46
C ALA A 200 2.97 5.58 -12.99
N PHE A 201 3.15 4.97 -11.82
CA PHE A 201 2.13 4.09 -11.28
C PHE A 201 0.91 4.95 -11.00
N HIS A 202 -0.26 4.32 -10.99
CA HIS A 202 -1.52 5.01 -10.73
C HIS A 202 -1.90 6.09 -11.73
N THR A 203 -1.58 5.81 -13.00
CA THR A 203 -1.91 6.70 -14.11
C THR A 203 -2.24 5.80 -15.30
N ARG A 204 -2.74 6.39 -16.38
CA ARG A 204 -3.10 5.65 -17.58
C ARG A 204 -1.90 4.92 -18.16
N HIS A 205 -0.70 5.32 -17.75
CA HIS A 205 0.49 4.65 -18.24
C HIS A 205 0.54 3.19 -17.77
N MET A 206 -0.33 2.85 -16.82
CA MET A 206 -0.40 1.48 -16.29
C MET A 206 -1.53 0.69 -16.96
N ALA A 207 -2.14 1.26 -17.98
CA ALA A 207 -3.24 0.60 -18.69
C ALA A 207 -2.91 -0.84 -19.07
N PRO A 208 -1.70 -1.08 -19.61
CA PRO A 208 -1.36 -2.45 -19.97
C PRO A 208 -1.21 -3.36 -18.75
N ALA A 209 -0.97 -2.77 -17.59
CA ALA A 209 -0.83 -3.55 -16.35
C ALA A 209 -2.23 -4.02 -15.91
N VAL A 210 -3.26 -3.23 -16.21
CA VAL A 210 -4.62 -3.61 -15.87
C VAL A 210 -4.99 -4.88 -16.64
N ASP A 211 -4.67 -4.89 -17.93
CA ASP A 211 -4.99 -6.05 -18.76
C ASP A 211 -4.33 -7.31 -18.20
N LYS A 212 -3.04 -7.22 -17.89
CA LYS A 212 -2.31 -8.36 -17.34
C LYS A 212 -2.80 -8.77 -15.95
N LEU A 213 -3.07 -7.77 -15.10
CA LEU A 213 -3.55 -8.06 -13.75
C LEU A 213 -4.96 -8.66 -13.78
N ALA A 214 -5.76 -8.24 -14.74
CA ALA A 214 -7.12 -8.78 -14.88
C ALA A 214 -7.07 -10.26 -15.22
N GLU A 215 -6.08 -10.66 -16.01
CA GLU A 215 -5.94 -12.07 -16.38
C GLU A 215 -5.65 -12.91 -15.13
N ALA A 216 -4.78 -12.40 -14.26
CA ALA A 216 -4.46 -13.11 -13.04
C ALA A 216 -5.69 -13.18 -12.12
N ALA A 217 -6.49 -12.13 -12.13
CA ALA A 217 -7.68 -12.08 -11.29
C ALA A 217 -8.72 -13.12 -11.71
N LYS A 218 -8.56 -13.68 -12.91
CA LYS A 218 -9.48 -14.70 -13.41
C LYS A 218 -9.40 -16.00 -12.64
N ALA A 219 -8.21 -16.31 -12.13
CA ALA A 219 -8.00 -17.54 -11.39
C ALA A 219 -8.48 -17.43 -9.95
N LEU A 220 -9.04 -16.29 -9.59
CA LEU A 220 -9.51 -16.06 -8.23
C LEU A 220 -11.02 -16.05 -8.10
N THR A 221 -11.48 -16.38 -6.91
CA THR A 221 -12.90 -16.37 -6.58
C THR A 221 -12.95 -15.65 -5.25
N PRO A 222 -13.10 -14.31 -5.28
CA PRO A 222 -13.16 -13.47 -4.09
C PRO A 222 -14.43 -13.63 -3.26
N ALA A 223 -14.27 -13.61 -1.94
CA ALA A 223 -15.40 -13.71 -1.05
C ALA A 223 -15.77 -12.30 -0.58
N ASP A 224 -17.00 -12.13 -0.12
CA ASP A 224 -17.44 -10.83 0.38
C ASP A 224 -16.64 -10.51 1.63
N PRO A 225 -16.26 -9.24 1.81
CA PRO A 225 -15.48 -8.87 3.00
C PRO A 225 -16.25 -9.13 4.30
N LYS A 226 -15.57 -9.70 5.29
CA LYS A 226 -16.19 -10.00 6.58
C LYS A 226 -16.00 -8.83 7.53
N VAL A 227 -15.13 -7.91 7.14
CA VAL A 227 -14.83 -6.72 7.92
C VAL A 227 -14.92 -5.55 6.95
N THR A 228 -15.32 -4.39 7.44
CA THR A 228 -15.45 -3.21 6.60
C THR A 228 -14.15 -2.97 5.82
N TYR A 229 -14.26 -2.91 4.50
CA TYR A 229 -13.11 -2.70 3.63
C TYR A 229 -13.18 -1.33 2.97
N VAL A 230 -12.21 -0.46 3.27
CA VAL A 230 -12.16 0.89 2.72
C VAL A 230 -11.24 0.92 1.51
N SER A 231 -11.75 1.41 0.39
CA SER A 231 -11.00 1.46 -0.88
C SER A 231 -10.29 2.77 -1.27
N ASN A 232 -9.10 2.60 -1.83
CA ASN A 232 -8.24 3.70 -2.30
C ASN A 232 -8.84 4.56 -3.40
N LYS A 233 -9.70 3.95 -4.22
CA LYS A 233 -10.32 4.66 -5.34
C LYS A 233 -11.06 5.93 -4.94
N ASP A 234 -11.92 5.82 -3.94
CA ASP A 234 -12.73 6.95 -3.51
C ASP A 234 -12.98 6.96 -2.00
N GLY A 235 -12.21 6.16 -1.26
CA GLY A 235 -12.38 6.11 0.19
C GLY A 235 -13.68 5.49 0.66
N ARG A 236 -14.39 4.79 -0.22
CA ARG A 236 -15.66 4.18 0.17
C ARG A 236 -15.52 2.75 0.67
N ALA A 237 -16.49 2.32 1.46
CA ALA A 237 -16.50 0.96 1.97
C ALA A 237 -17.13 0.11 0.87
N VAL A 238 -16.49 -1.00 0.52
CA VAL A 238 -16.99 -1.88 -0.53
C VAL A 238 -17.52 -3.16 0.10
N ALA A 239 -18.80 -3.44 -0.11
CA ALA A 239 -19.43 -4.63 0.48
C ALA A 239 -19.31 -5.90 -0.34
N SER A 240 -19.04 -5.76 -1.64
CA SER A 240 -18.93 -6.90 -2.54
C SER A 240 -17.50 -7.37 -2.82
N GLY A 241 -17.29 -8.68 -2.73
CA GLY A 241 -15.97 -9.26 -2.99
C GLY A 241 -15.50 -9.07 -4.42
N THR A 242 -16.40 -9.17 -5.38
CA THR A 242 -16.04 -8.98 -6.78
C THR A 242 -15.73 -7.50 -7.03
N GLU A 243 -16.45 -6.60 -6.37
CA GLU A 243 -16.19 -5.17 -6.53
C GLU A 243 -14.85 -4.81 -5.89
N VAL A 244 -14.50 -5.53 -4.82
CA VAL A 244 -13.21 -5.31 -4.16
C VAL A 244 -12.10 -5.68 -5.14
N LEU A 245 -12.22 -6.87 -5.73
CA LEU A 245 -11.24 -7.35 -6.69
C LEU A 245 -11.15 -6.48 -7.94
N ASP A 246 -12.29 -6.06 -8.47
CA ASP A 246 -12.28 -5.22 -9.67
C ASP A 246 -11.56 -3.91 -9.36
N ARG A 247 -11.80 -3.36 -8.18
CA ARG A 247 -11.17 -2.11 -7.77
C ARG A 247 -9.65 -2.27 -7.65
N LEU A 248 -9.20 -3.40 -7.09
CA LEU A 248 -7.78 -3.69 -6.95
C LEU A 248 -7.10 -3.71 -8.31
N VAL A 249 -7.73 -4.39 -9.27
CA VAL A 249 -7.18 -4.50 -10.61
C VAL A 249 -7.09 -3.14 -11.31
N GLY A 250 -8.13 -2.34 -11.15
CA GLY A 250 -8.17 -1.03 -11.78
C GLY A 250 -7.28 0.02 -11.10
N GLN A 251 -7.09 -0.11 -9.79
CA GLN A 251 -6.28 0.84 -9.03
C GLN A 251 -4.84 1.03 -9.49
N VAL A 252 -4.28 0.05 -10.21
CA VAL A 252 -2.90 0.21 -10.66
C VAL A 252 -2.81 1.40 -11.62
N ALA A 253 -3.95 1.79 -12.19
CA ALA A 253 -3.98 2.92 -13.13
C ALA A 253 -4.82 4.11 -12.66
N ASN A 254 -5.28 4.06 -11.42
CA ASN A 254 -6.10 5.14 -10.86
C ASN A 254 -5.40 5.76 -9.65
N PRO A 255 -5.61 7.07 -9.42
CA PRO A 255 -4.98 7.76 -8.28
C PRO A 255 -5.32 7.10 -6.93
N VAL A 256 -4.39 7.19 -5.98
CA VAL A 256 -4.60 6.64 -4.65
C VAL A 256 -5.16 7.76 -3.77
N ARG A 257 -6.43 7.66 -3.41
CA ARG A 257 -7.04 8.68 -2.56
C ARG A 257 -7.00 8.26 -1.10
N TRP A 258 -5.80 8.22 -0.55
CA TRP A 258 -5.63 7.85 0.85
C TRP A 258 -6.25 8.92 1.73
N ASP A 259 -6.33 10.14 1.22
CA ASP A 259 -6.95 11.24 1.96
C ASP A 259 -8.40 10.89 2.29
N LEU A 260 -9.12 10.39 1.29
CA LEU A 260 -10.51 10.01 1.47
C LEU A 260 -10.67 8.79 2.37
N CYS A 261 -9.68 7.91 2.35
CA CYS A 261 -9.74 6.73 3.19
C CYS A 261 -9.71 7.18 4.66
N MET A 262 -8.85 8.15 4.97
CA MET A 262 -8.75 8.65 6.34
C MET A 262 -10.03 9.41 6.73
N GLU A 263 -10.65 10.09 5.77
CA GLU A 263 -11.89 10.82 6.03
C GLU A 263 -12.95 9.79 6.42
N THR A 264 -12.94 8.65 5.75
CA THR A 264 -13.90 7.58 6.04
C THR A 264 -13.62 6.98 7.42
N PHE A 265 -12.36 6.86 7.80
CA PHE A 265 -12.03 6.31 9.12
C PHE A 265 -12.68 7.24 10.16
N LYS A 266 -12.65 8.54 9.90
CA LYS A 266 -13.25 9.52 10.79
C LYS A 266 -14.75 9.28 10.87
N GLU A 267 -15.38 9.17 9.70
CA GLU A 267 -16.82 8.93 9.63
C GLU A 267 -17.19 7.66 10.38
N LEU A 268 -16.25 6.72 10.48
CA LEU A 268 -16.49 5.46 11.18
C LEU A 268 -16.19 5.61 12.67
N GLY A 269 -15.71 6.76 13.08
CA GLY A 269 -15.39 6.99 14.48
C GLY A 269 -14.15 6.28 14.97
N VAL A 270 -13.17 6.11 14.08
CA VAL A 270 -11.93 5.43 14.43
C VAL A 270 -11.31 5.99 15.71
N THR A 271 -10.86 5.10 16.60
CA THR A 271 -10.25 5.53 17.86
C THR A 271 -8.79 5.05 17.96
N ALA A 272 -8.43 4.08 17.11
CA ALA A 272 -7.08 3.55 17.09
C ALA A 272 -6.74 2.95 15.73
N ILE A 273 -5.50 3.11 15.33
CA ILE A 273 -5.01 2.57 14.06
C ILE A 273 -3.69 1.84 14.26
N ILE A 274 -3.64 0.61 13.77
CA ILE A 274 -2.43 -0.20 13.86
C ILE A 274 -2.00 -0.46 12.41
N GLU A 275 -0.76 -0.13 12.10
CA GLU A 275 -0.22 -0.35 10.76
C GLU A 275 0.67 -1.59 10.82
N VAL A 276 0.39 -2.58 9.99
CA VAL A 276 1.19 -3.81 10.00
C VAL A 276 2.60 -3.57 9.49
N CYS A 277 3.44 -4.58 9.60
CA CYS A 277 4.83 -4.48 9.16
C CYS A 277 4.93 -4.37 7.64
N PRO A 278 5.80 -3.49 7.14
CA PRO A 278 6.70 -2.57 7.86
C PRO A 278 6.01 -1.22 8.08
N GLY A 279 5.66 -0.93 9.33
CA GLY A 279 4.97 0.31 9.64
C GLY A 279 5.81 1.56 9.76
N GLY A 280 5.11 2.69 9.92
CA GLY A 280 5.78 3.97 10.06
C GLY A 280 5.21 5.04 9.15
N THR A 281 5.11 4.73 7.86
CA THR A 281 4.59 5.69 6.88
C THR A 281 3.13 6.07 7.07
N LEU A 282 2.23 5.09 7.11
CA LEU A 282 0.82 5.41 7.29
C LEU A 282 0.56 5.94 8.70
N THR A 283 1.31 5.47 9.67
CA THR A 283 1.17 5.94 11.05
C THR A 283 1.56 7.42 11.13
N GLY A 284 2.60 7.79 10.39
CA GLY A 284 3.03 9.18 10.39
C GLY A 284 1.94 10.07 9.81
N LEU A 285 1.28 9.59 8.77
CA LEU A 285 0.20 10.35 8.14
C LEU A 285 -0.99 10.49 9.09
N ALA A 286 -1.30 9.41 9.80
CA ALA A 286 -2.41 9.40 10.73
C ALA A 286 -2.19 10.42 11.85
N LYS A 287 -0.96 10.51 12.35
CA LYS A 287 -0.66 11.45 13.43
C LYS A 287 -0.91 12.89 13.01
N ARG A 288 -0.87 13.13 11.71
CA ARG A 288 -1.10 14.48 11.18
C ARG A 288 -2.55 14.73 10.84
N ALA A 289 -3.17 13.83 10.08
CA ALA A 289 -4.55 13.98 9.66
C ALA A 289 -5.62 13.48 10.63
N LEU A 290 -5.24 12.62 11.57
CA LEU A 290 -6.20 12.08 12.51
C LEU A 290 -5.85 12.36 13.97
N PRO A 291 -5.89 13.63 14.38
CA PRO A 291 -5.56 13.99 15.76
C PRO A 291 -6.53 13.36 16.76
N GLY A 292 -6.01 12.89 17.88
CA GLY A 292 -6.85 12.26 18.88
C GLY A 292 -6.99 10.76 18.70
N VAL A 293 -6.42 10.24 17.62
CA VAL A 293 -6.47 8.81 17.35
C VAL A 293 -5.17 8.13 17.76
N LYS A 294 -5.25 7.04 18.52
CA LYS A 294 -4.05 6.33 18.94
C LYS A 294 -3.51 5.58 17.73
N THR A 295 -2.20 5.62 17.54
CA THR A 295 -1.58 4.93 16.42
C THR A 295 -0.41 4.09 16.88
N LEU A 296 -0.19 2.96 16.21
CA LEU A 296 0.90 2.08 16.54
C LEU A 296 1.37 1.39 15.26
N ALA A 297 2.68 1.43 15.02
CA ALA A 297 3.25 0.81 13.84
C ALA A 297 4.04 -0.43 14.24
N LEU A 298 3.76 -1.55 13.58
CA LEU A 298 4.48 -2.79 13.85
C LEU A 298 5.75 -2.80 13.02
N LYS A 299 6.90 -2.76 13.68
CA LYS A 299 8.17 -2.80 12.97
C LYS A 299 8.90 -4.12 13.24
N THR A 300 8.80 -4.60 14.48
CA THR A 300 9.43 -5.88 14.86
C THR A 300 8.52 -6.61 15.85
N PRO A 301 8.74 -7.92 16.03
CA PRO A 301 7.92 -8.70 16.97
C PRO A 301 7.85 -8.09 18.38
N ASP A 302 8.86 -7.31 18.73
CA ASP A 302 8.92 -6.68 20.04
C ASP A 302 7.82 -5.63 20.20
N ASP A 303 7.20 -5.24 19.09
CA ASP A 303 6.11 -4.26 19.11
C ASP A 303 4.76 -4.93 19.37
N LEU A 304 4.72 -6.26 19.29
CA LEU A 304 3.49 -7.02 19.48
C LEU A 304 2.73 -6.86 20.80
N ASP A 305 3.44 -6.91 21.92
CA ASP A 305 2.79 -6.75 23.22
C ASP A 305 2.00 -5.45 23.31
N ALA A 306 2.63 -4.35 22.91
CA ALA A 306 1.96 -3.05 22.93
C ALA A 306 0.76 -3.07 21.98
N ALA A 307 0.91 -3.77 20.86
CA ALA A 307 -0.17 -3.86 19.88
C ALA A 307 -1.35 -4.63 20.47
N ARG A 308 -1.05 -5.74 21.14
CA ARG A 308 -2.10 -6.56 21.74
C ARG A 308 -2.91 -5.75 22.74
N GLU A 309 -2.24 -4.90 23.51
CA GLU A 309 -2.92 -4.07 24.50
C GLU A 309 -3.88 -3.12 23.78
N LEU A 310 -3.40 -2.52 22.70
CA LEU A 310 -4.19 -1.59 21.93
C LEU A 310 -5.40 -2.32 21.33
N VAL A 311 -5.17 -3.52 20.82
CA VAL A 311 -6.24 -4.31 20.24
C VAL A 311 -7.31 -4.58 21.31
N ALA A 312 -6.88 -5.12 22.45
CA ALA A 312 -7.79 -5.42 23.55
C ALA A 312 -8.70 -4.27 23.96
N GLU A 313 -8.15 -3.06 24.08
CA GLU A 313 -8.96 -1.92 24.51
C GLU A 313 -9.77 -1.24 23.41
N HIS A 314 -9.60 -1.67 22.17
CA HIS A 314 -10.33 -1.05 21.06
C HIS A 314 -11.19 -2.02 20.25
N THR A 315 -11.24 -3.28 20.67
CA THR A 315 -12.03 -4.28 19.97
C THR A 315 -13.17 -4.79 20.85
#